data_5FH8
#
_entry.id   5FH8
#
_cell.length_a   64.580
_cell.length_b   62.420
_cell.length_c   65.820
_cell.angle_alpha   90.00
_cell.angle_beta   91.75
_cell.angle_gamma   90.00
#
_symmetry.space_group_name_H-M   'P 1 21 1'
#
loop_
_entity.id
_entity.type
_entity.pdbx_description
1 polymer 'Protein polybromo-1'
2 non-polymer 6-chloranyl-3-(2-ethylbutyl)-4~{H}-pyrrolo[1,2-a]quinazolin-5-one
3 non-polymer 'DIMETHYL SULFOXIDE'
4 non-polymer 1,2-ETHANEDIOL
5 water water
#
_entity_poly.entity_id   1
_entity_poly.type   'polypeptide(L)'
_entity_poly.pdbx_seq_one_letter_code
;SMSGISPKKSKYMTPMQQKLNEVYEAVKNYTDKRGRRLSAIFLRLPSRSELPDYYLTIKKPMDMEKIRSHMMANKYQDID
SMVEDFVMMFNNACTYNEPESLIYKDALVLHKVLLETRRDLEGD
;
_entity_poly.pdbx_strand_id   A,B,C,D
#
loop_
_chem_comp.id
_chem_comp.type
_chem_comp.name
_chem_comp.formula
5XK non-polymer 6-chloranyl-3-(2-ethylbutyl)-4~{H}-pyrrolo[1,2-a]quinazolin-5-one 'C17 H19 Cl N2 O'
DMS non-polymer 'DIMETHYL SULFOXIDE' 'C2 H6 O S'
EDO non-polymer 1,2-ETHANEDIOL 'C2 H6 O2'
#
# COMPACT_ATOMS: atom_id res chain seq x y z
N SER A 10 -17.72 -21.05 -23.48
CA SER A 10 -18.17 -21.29 -22.05
C SER A 10 -17.78 -20.18 -21.08
N LYS A 11 -18.75 -19.77 -20.27
CA LYS A 11 -18.55 -18.70 -19.31
C LYS A 11 -17.97 -19.20 -17.97
N TYR A 12 -18.11 -20.51 -17.69
CA TYR A 12 -17.69 -21.01 -16.39
C TYR A 12 -16.17 -20.85 -16.24
N MET A 13 -15.75 -20.52 -15.03
CA MET A 13 -14.33 -20.41 -14.74
C MET A 13 -13.75 -21.81 -14.52
N THR A 14 -12.78 -22.15 -15.36
CA THR A 14 -12.05 -23.39 -15.23
C THR A 14 -11.13 -23.27 -13.99
N PRO A 15 -10.55 -24.37 -13.52
CA PRO A 15 -9.56 -24.29 -12.43
C PRO A 15 -8.39 -23.31 -12.64
N MET A 16 -7.88 -23.18 -13.86
CA MET A 16 -6.80 -22.25 -14.12
C MET A 16 -7.36 -20.84 -13.99
N GLN A 17 -8.56 -20.60 -14.54
CA GLN A 17 -9.10 -19.28 -14.41
C GLN A 17 -9.37 -18.90 -12.97
N GLN A 18 -9.79 -19.85 -12.17
CA GLN A 18 -10.02 -19.58 -10.78
C GLN A 18 -8.72 -19.19 -10.03
N LYS A 19 -7.59 -19.80 -10.38
CA LYS A 19 -6.29 -19.43 -9.81
C LYS A 19 -5.87 -18.04 -10.31
N LEU A 20 -6.12 -17.74 -11.59
CA LEU A 20 -5.82 -16.39 -12.07
C LEU A 20 -6.69 -15.41 -11.27
N ASN A 21 -7.97 -15.75 -11.08
CA ASN A 21 -8.87 -14.80 -10.41
C ASN A 21 -8.47 -14.57 -8.97
N GLU A 22 -7.88 -15.56 -8.28
CA GLU A 22 -7.37 -15.32 -6.92
C GLU A 22 -6.28 -14.23 -6.90
N VAL A 23 -5.36 -14.32 -7.88
CA VAL A 23 -4.32 -13.31 -8.01
C VAL A 23 -4.91 -11.94 -8.38
N TYR A 24 -5.87 -11.93 -9.30
CA TYR A 24 -6.48 -10.68 -9.71
C TYR A 24 -7.16 -10.02 -8.46
N GLU A 25 -7.99 -10.80 -7.75
CA GLU A 25 -8.65 -10.32 -6.54
C GLU A 25 -7.71 -9.85 -5.45
N ALA A 26 -6.54 -10.47 -5.28
CA ALA A 26 -5.57 -10.06 -4.27
C ALA A 26 -5.09 -8.65 -4.53
N VAL A 27 -4.82 -8.35 -5.80
CA VAL A 27 -4.41 -7.04 -6.18
C VAL A 27 -5.57 -6.10 -6.06
N LYS A 28 -6.72 -6.44 -6.66
CA LYS A 28 -7.87 -5.54 -6.63
C LYS A 28 -8.28 -5.13 -5.21
N ASN A 29 -8.26 -6.10 -4.29
CA ASN A 29 -8.78 -5.86 -2.95
C ASN A 29 -7.77 -5.40 -1.92
N TYR A 30 -6.49 -5.27 -2.30
CA TYR A 30 -5.47 -4.83 -1.35
C TYR A 30 -5.80 -3.46 -0.77
N THR A 31 -5.68 -3.37 0.56
CA THR A 31 -5.68 -2.08 1.20
C THR A 31 -4.38 -1.81 1.95
N ASP A 32 -3.93 -0.56 1.92
CA ASP A 32 -2.74 -0.17 2.60
C ASP A 32 -3.00 -0.02 4.13
N LYS A 33 -1.99 0.41 4.86
CA LYS A 33 -2.04 0.43 6.34
C LYS A 33 -3.10 1.38 6.86
N ARG A 34 -3.57 2.28 6.03
CA ARG A 34 -4.67 3.22 6.40
C ARG A 34 -6.03 2.81 5.83
N GLY A 35 -6.13 1.64 5.18
CA GLY A 35 -7.36 1.22 4.59
C GLY A 35 -7.64 1.70 3.16
N ARG A 36 -6.64 2.29 2.52
CA ARG A 36 -6.87 2.85 1.16
C ARG A 36 -6.79 1.77 0.09
N ARG A 37 -7.78 1.74 -0.76
CA ARG A 37 -7.87 0.71 -1.81
C ARG A 37 -7.07 1.16 -3.02
N LEU A 38 -5.81 0.74 -3.08
CA LEU A 38 -4.88 1.30 -4.04
C LEU A 38 -5.21 0.92 -5.49
N SER A 39 -5.99 -0.15 -5.73
CA SER A 39 -6.29 -0.56 -7.10
C SER A 39 -7.26 0.36 -7.84
N ALA A 40 -8.02 1.17 -7.08
CA ALA A 40 -9.16 1.83 -7.66
C ALA A 40 -8.82 2.67 -8.89
N ILE A 41 -7.71 3.44 -8.82
CA ILE A 41 -7.30 4.28 -9.94
C ILE A 41 -6.91 3.50 -11.20
N PHE A 42 -6.57 2.23 -11.02
CA PHE A 42 -6.03 1.38 -12.09
C PHE A 42 -7.06 0.59 -12.90
N LEU A 43 -8.31 0.62 -12.45
CA LEU A 43 -9.36 -0.14 -13.20
C LEU A 43 -9.49 0.29 -14.64
N ARG A 44 -9.47 1.60 -14.90
CA ARG A 44 -9.78 2.17 -16.20
C ARG A 44 -8.84 3.27 -16.63
N LEU A 45 -8.14 3.07 -17.74
CA LEU A 45 -7.29 4.07 -18.32
C LEU A 45 -8.17 5.03 -19.13
N PRO A 46 -7.88 6.34 -19.12
CA PRO A 46 -8.65 7.24 -20.01
C PRO A 46 -8.49 6.88 -21.47
N SER A 47 -9.45 7.29 -22.32
CA SER A 47 -9.42 6.90 -23.69
C SER A 47 -8.36 7.76 -24.46
N ARG A 48 -8.09 7.36 -25.68
CA ARG A 48 -7.19 8.12 -26.56
C ARG A 48 -7.60 9.60 -26.74
N SER A 49 -8.89 9.87 -26.74
CA SER A 49 -9.39 11.25 -26.91
CA SER A 49 -9.36 11.25 -26.93
C SER A 49 -9.21 12.09 -25.64
N GLU A 50 -9.27 11.43 -24.49
CA GLU A 50 -9.17 12.10 -23.20
C GLU A 50 -7.73 12.34 -22.82
N LEU A 51 -6.80 11.46 -23.24
CA LEU A 51 -5.45 11.51 -22.74
C LEU A 51 -4.51 11.02 -23.85
N PRO A 52 -4.52 11.73 -25.00
CA PRO A 52 -3.74 11.27 -26.11
C PRO A 52 -2.25 11.15 -25.86
N ASP A 53 -1.66 12.01 -25.06
CA ASP A 53 -0.23 11.95 -24.85
C ASP A 53 0.21 10.64 -24.19
N TYR A 54 -0.72 9.97 -23.49
CA TYR A 54 -0.39 8.67 -22.80
C TYR A 54 -0.08 7.64 -23.88
N TYR A 55 -0.84 7.70 -24.95
CA TYR A 55 -0.75 6.69 -26.05
C TYR A 55 0.43 6.99 -26.97
N LEU A 56 0.97 8.19 -26.92
CA LEU A 56 2.20 8.47 -27.67
C LEU A 56 3.38 7.76 -27.07
N THR A 57 3.54 7.83 -25.76
CA THR A 57 4.74 7.29 -25.15
C THR A 57 4.60 5.96 -24.46
N ILE A 58 3.38 5.53 -24.14
CA ILE A 58 3.21 4.21 -23.57
C ILE A 58 2.78 3.24 -24.66
N LYS A 59 3.66 2.29 -25.01
CA LYS A 59 3.43 1.51 -26.19
C LYS A 59 2.43 0.41 -26.05
N LYS A 60 2.22 -0.07 -24.80
CA LYS A 60 1.26 -1.13 -24.58
C LYS A 60 0.31 -0.71 -23.42
N PRO A 61 -0.66 0.13 -23.71
CA PRO A 61 -1.65 0.55 -22.68
C PRO A 61 -2.37 -0.60 -22.06
N MET A 62 -2.58 -0.49 -20.74
CA MET A 62 -3.12 -1.61 -19.94
C MET A 62 -3.84 -1.07 -18.73
N ASP A 63 -5.01 -1.66 -18.44
CA ASP A 63 -5.74 -1.35 -17.22
C ASP A 63 -6.33 -2.63 -16.67
N MET A 64 -6.85 -2.58 -15.45
CA MET A 64 -7.32 -3.83 -14.82
C MET A 64 -8.61 -4.34 -15.47
N GLU A 65 -9.43 -3.50 -16.06
CA GLU A 65 -10.58 -3.97 -16.82
C GLU A 65 -10.12 -4.85 -17.99
N LYS A 66 -9.06 -4.47 -18.70
CA LYS A 66 -8.58 -5.22 -19.84
C LYS A 66 -8.04 -6.55 -19.41
N ILE A 67 -7.23 -6.55 -18.34
CA ILE A 67 -6.74 -7.80 -17.79
C ILE A 67 -7.87 -8.73 -17.40
N ARG A 68 -8.81 -8.18 -16.65
CA ARG A 68 -9.95 -9.04 -16.19
C ARG A 68 -10.71 -9.63 -17.37
N SER A 69 -10.93 -8.85 -18.40
CA SER A 69 -11.70 -9.32 -19.58
C SER A 69 -10.95 -10.42 -20.28
N HIS A 70 -9.63 -10.27 -20.36
CA HIS A 70 -8.80 -11.30 -20.97
C HIS A 70 -8.90 -12.59 -20.10
N MET A 71 -8.86 -12.42 -18.83
CA MET A 71 -8.88 -13.56 -17.91
C MET A 71 -10.23 -14.27 -18.05
N MET A 72 -11.30 -13.51 -18.05
CA MET A 72 -12.64 -14.11 -18.06
C MET A 72 -12.91 -14.80 -19.39
N ALA A 73 -12.27 -14.35 -20.46
CA ALA A 73 -12.35 -14.98 -21.79
C ALA A 73 -11.51 -16.23 -22.00
N ASN A 74 -10.79 -16.65 -20.97
CA ASN A 74 -9.95 -17.81 -20.98
C ASN A 74 -8.84 -17.67 -21.97
N LYS A 75 -8.25 -16.49 -22.06
CA LYS A 75 -7.21 -16.24 -23.03
C LYS A 75 -5.82 -16.25 -22.42
N TYR A 76 -5.67 -16.27 -21.09
CA TYR A 76 -4.33 -16.45 -20.50
C TYR A 76 -3.99 -17.94 -20.41
N GLN A 77 -2.77 -18.29 -20.79
CA GLN A 77 -2.37 -19.70 -20.79
C GLN A 77 -1.88 -20.13 -19.44
N ASP A 78 -1.44 -19.20 -18.61
CA ASP A 78 -0.88 -19.50 -17.33
C ASP A 78 -0.85 -18.25 -16.42
N ILE A 79 -0.52 -18.45 -15.14
CA ILE A 79 -0.46 -17.37 -14.15
C ILE A 79 0.59 -16.31 -14.58
N ASP A 80 1.72 -16.78 -15.03
CA ASP A 80 2.76 -15.87 -15.43
C ASP A 80 2.40 -14.87 -16.52
N SER A 81 1.55 -15.26 -17.48
CA SER A 81 1.11 -14.41 -18.57
CA SER A 81 1.15 -14.38 -18.56
C SER A 81 0.30 -13.21 -18.02
N MET A 82 -0.56 -13.49 -17.06
CA MET A 82 -1.32 -12.44 -16.43
C MET A 82 -0.44 -11.58 -15.58
N VAL A 83 0.46 -12.16 -14.79
CA VAL A 83 1.39 -11.34 -14.01
C VAL A 83 2.16 -10.37 -14.89
N GLU A 84 2.59 -10.79 -16.06
CA GLU A 84 3.32 -9.92 -17.00
C GLU A 84 2.49 -8.70 -17.43
N ASP A 85 1.18 -8.86 -17.64
CA ASP A 85 0.36 -7.73 -17.96
C ASP A 85 0.19 -6.77 -16.78
N PHE A 86 0.05 -7.28 -15.57
CA PHE A 86 0.00 -6.42 -14.40
C PHE A 86 1.35 -5.64 -14.28
N VAL A 87 2.45 -6.35 -14.42
CA VAL A 87 3.80 -5.72 -14.33
C VAL A 87 3.91 -4.63 -15.40
N MET A 88 3.43 -4.91 -16.60
CA MET A 88 3.43 -3.87 -17.65
C MET A 88 2.63 -2.65 -17.23
N MET A 89 1.40 -2.90 -16.73
CA MET A 89 0.54 -1.82 -16.26
C MET A 89 1.24 -0.96 -15.18
N PHE A 90 1.88 -1.58 -14.19
CA PHE A 90 2.51 -0.79 -13.12
C PHE A 90 3.77 -0.07 -13.60
N ASN A 91 4.50 -0.69 -14.49
CA ASN A 91 5.63 0.02 -15.16
C ASN A 91 5.19 1.18 -16.01
N ASN A 92 4.07 1.04 -16.74
CA ASN A 92 3.52 2.12 -17.50
C ASN A 92 3.18 3.24 -16.54
N ALA A 93 2.53 2.95 -15.44
CA ALA A 93 2.16 4.05 -14.48
C ALA A 93 3.36 4.79 -13.96
N CYS A 94 4.45 4.07 -13.73
CA CYS A 94 5.69 4.65 -13.18
C CYS A 94 6.54 5.32 -14.20
N THR A 95 6.20 5.12 -15.45
CA THR A 95 6.81 5.82 -16.57
C THR A 95 6.06 7.10 -16.92
N TYR A 96 4.75 7.01 -17.09
CA TYR A 96 3.97 8.20 -17.48
C TYR A 96 3.88 9.25 -16.37
N ASN A 97 3.76 8.77 -15.12
CA ASN A 97 3.58 9.61 -13.95
C ASN A 97 4.92 9.81 -13.20
N GLU A 98 5.06 10.99 -12.59
CA GLU A 98 6.38 11.35 -12.03
C GLU A 98 6.58 10.65 -10.66
N PRO A 99 7.81 10.54 -10.20
CA PRO A 99 8.02 9.89 -8.93
C PRO A 99 7.39 10.50 -7.73
N GLU A 100 7.14 11.82 -7.73
CA GLU A 100 6.43 12.48 -6.61
C GLU A 100 4.95 12.19 -6.57
N SER A 101 4.38 11.62 -7.65
CA SER A 101 2.93 11.47 -7.71
C SER A 101 2.42 10.36 -6.82
N LEU A 102 1.19 10.48 -6.40
CA LEU A 102 0.52 9.42 -5.64
C LEU A 102 0.40 8.08 -6.42
N ILE A 103 0.05 8.18 -7.72
CA ILE A 103 -0.16 6.97 -8.51
C ILE A 103 1.15 6.20 -8.72
N TYR A 104 2.28 6.90 -8.81
CA TYR A 104 3.56 6.23 -8.97
C TYR A 104 3.87 5.45 -7.69
N LYS A 105 3.64 6.05 -6.54
CA LYS A 105 3.89 5.37 -5.25
C LYS A 105 2.95 4.14 -5.10
N ASP A 106 1.70 4.33 -5.46
CA ASP A 106 0.72 3.23 -5.34
C ASP A 106 1.00 2.08 -6.31
N ALA A 107 1.47 2.40 -7.49
CA ALA A 107 1.89 1.39 -8.47
C ALA A 107 3.03 0.55 -7.93
N LEU A 108 4.00 1.19 -7.26
CA LEU A 108 5.04 0.38 -6.62
C LEU A 108 4.55 -0.58 -5.54
N VAL A 109 3.65 -0.11 -4.69
CA VAL A 109 3.14 -0.95 -3.62
C VAL A 109 2.42 -2.13 -4.24
N LEU A 110 1.52 -1.88 -5.23
CA LEU A 110 0.75 -3.01 -5.78
C LEU A 110 1.57 -3.98 -6.59
N HIS A 111 2.59 -3.45 -7.26
CA HIS A 111 3.51 -4.25 -8.02
C HIS A 111 4.16 -5.24 -7.06
N LYS A 112 4.55 -4.81 -5.88
CA LYS A 112 5.13 -5.73 -4.92
C LYS A 112 4.13 -6.71 -4.38
N VAL A 113 2.91 -6.25 -4.13
CA VAL A 113 1.78 -7.16 -3.71
C VAL A 113 1.56 -8.26 -4.72
N LEU A 114 1.59 -7.90 -5.99
CA LEU A 114 1.45 -8.82 -7.09
C LEU A 114 2.57 -9.85 -7.07
N LEU A 115 3.81 -9.40 -6.98
CA LEU A 115 4.96 -10.32 -7.02
C LEU A 115 4.95 -11.28 -5.82
N GLU A 116 4.61 -10.78 -4.64
CA GLU A 116 4.58 -11.62 -3.42
C GLU A 116 3.42 -12.59 -3.50
N THR A 117 2.29 -12.16 -4.05
CA THR A 117 1.14 -13.03 -4.22
C THR A 117 1.52 -14.23 -5.13
N ARG A 118 2.21 -13.95 -6.25
CA ARG A 118 2.65 -14.97 -7.21
CA ARG A 118 2.59 -15.00 -7.17
C ARG A 118 3.62 -15.92 -6.51
N ARG A 119 4.56 -15.35 -5.78
CA ARG A 119 5.62 -16.17 -5.14
C ARG A 119 5.00 -17.14 -4.14
N ASP A 120 3.96 -16.73 -3.43
CA ASP A 120 3.34 -17.50 -2.35
C ASP A 120 2.20 -18.42 -2.82
N LEU A 121 2.01 -18.54 -4.13
CA LEU A 121 0.87 -19.21 -4.74
C LEU A 121 1.05 -20.72 -4.85
N LYS B 11 11.26 -10.85 5.36
CA LYS B 11 12.36 -10.39 6.34
C LYS B 11 12.08 -9.02 7.07
N TYR B 12 11.87 -7.98 6.27
CA TYR B 12 11.63 -6.64 6.78
C TYR B 12 10.13 -6.45 7.16
N MET B 13 9.88 -5.50 8.02
CA MET B 13 8.51 -5.14 8.44
C MET B 13 7.83 -4.34 7.36
N THR B 14 6.65 -4.75 6.95
CA THR B 14 5.86 -3.94 6.01
C THR B 14 5.38 -2.66 6.72
N PRO B 15 4.84 -1.71 5.95
CA PRO B 15 4.28 -0.52 6.59
C PRO B 15 3.17 -0.82 7.60
N MET B 16 2.32 -1.81 7.32
CA MET B 16 1.28 -2.22 8.26
C MET B 16 1.92 -2.80 9.54
N GLN B 17 2.91 -3.64 9.38
CA GLN B 17 3.60 -4.18 10.52
C GLN B 17 4.24 -3.08 11.36
N GLN B 18 4.81 -2.07 10.69
CA GLN B 18 5.41 -0.96 11.38
C GLN B 18 4.38 -0.18 12.20
N LYS B 19 3.20 -0.03 11.65
CA LYS B 19 2.10 0.64 12.32
C LYS B 19 1.70 -0.19 13.55
N LEU B 20 1.58 -1.51 13.40
CA LEU B 20 1.20 -2.35 14.58
C LEU B 20 2.31 -2.24 15.64
N ASN B 21 3.54 -2.22 15.20
CA ASN B 21 4.67 -2.18 16.15
C ASN B 21 4.72 -0.88 16.93
N GLU B 22 4.28 0.21 16.31
CA GLU B 22 4.08 1.46 17.07
C GLU B 22 3.16 1.30 18.25
N VAL B 23 2.05 0.60 18.05
CA VAL B 23 1.07 0.39 19.08
C VAL B 23 1.70 -0.54 20.14
N TYR B 24 2.32 -1.62 19.68
CA TYR B 24 2.89 -2.57 20.58
C TYR B 24 3.93 -1.91 21.45
N GLU B 25 4.83 -1.14 20.85
CA GLU B 25 5.90 -0.47 21.57
C GLU B 25 5.36 0.57 22.52
N ALA B 26 4.28 1.25 22.16
CA ALA B 26 3.64 2.25 23.06
C ALA B 26 3.22 1.58 24.35
N VAL B 27 2.59 0.42 24.25
CA VAL B 27 2.20 -0.33 25.46
C VAL B 27 3.45 -0.82 26.20
N LYS B 28 4.33 -1.54 25.51
CA LYS B 28 5.51 -2.09 26.11
C LYS B 28 6.38 -1.06 26.89
N ASN B 29 6.51 0.12 26.31
CA ASN B 29 7.39 1.16 26.86
C ASN B 29 6.70 2.12 27.82
N TYR B 30 5.42 1.93 28.05
CA TYR B 30 4.64 2.83 28.88
C TYR B 30 5.28 2.89 30.27
N THR B 31 5.53 4.11 30.71
CA THR B 31 6.09 4.28 32.04
C THR B 31 5.24 5.29 32.74
N ASP B 32 4.90 4.99 33.97
CA ASP B 32 4.11 5.95 34.79
C ASP B 32 5.04 7.11 35.20
N LYS B 33 4.49 8.10 35.90
CA LYS B 33 5.28 9.28 36.22
C LYS B 33 6.34 9.06 37.30
N ARG B 34 6.28 7.92 37.97
CA ARG B 34 7.37 7.45 38.85
C ARG B 34 8.50 6.73 38.13
N GLY B 35 8.31 6.43 36.85
CA GLY B 35 9.25 5.70 36.00
C GLY B 35 9.09 4.19 36.03
N ARG B 36 7.94 3.70 36.47
CA ARG B 36 7.71 2.25 36.53
C ARG B 36 7.22 1.73 35.17
N ARG B 37 7.82 0.59 34.69
CA ARG B 37 7.41 0.02 33.42
C ARG B 37 6.27 -0.98 33.68
N LEU B 38 5.04 -0.56 33.46
CA LEU B 38 3.90 -1.35 33.88
C LEU B 38 3.74 -2.61 33.05
N SER B 39 4.23 -2.59 31.83
CA SER B 39 4.14 -3.78 30.93
C SER B 39 5.10 -4.90 31.30
N ALA B 40 6.09 -4.66 32.16
CA ALA B 40 7.16 -5.66 32.32
C ALA B 40 6.62 -7.04 32.75
N ILE B 41 5.66 -7.02 33.67
CA ILE B 41 5.09 -8.28 34.18
C ILE B 41 4.32 -9.08 33.10
N PHE B 42 3.87 -8.40 32.05
CA PHE B 42 3.01 -9.01 31.04
C PHE B 42 3.76 -9.63 29.86
N LEU B 43 5.06 -9.46 29.82
CA LEU B 43 5.80 -9.97 28.68
C LEU B 43 5.75 -11.47 28.53
N ARG B 44 5.81 -12.19 29.65
CA ARG B 44 5.88 -13.66 29.61
C ARG B 44 5.01 -14.29 30.69
N LEU B 45 4.08 -15.14 30.27
CA LEU B 45 3.28 -15.94 31.18
C LEU B 45 4.11 -17.09 31.76
N PRO B 46 3.90 -17.46 33.03
CA PRO B 46 4.53 -18.68 33.54
C PRO B 46 4.14 -19.89 32.74
N SER B 47 4.96 -20.92 32.79
CA SER B 47 4.74 -22.09 32.05
C SER B 47 3.59 -22.90 32.65
N ARG B 48 3.10 -23.84 31.88
CA ARG B 48 2.03 -24.77 32.34
C ARG B 48 2.52 -25.59 33.53
N SER B 49 3.81 -25.84 33.62
CA SER B 49 4.31 -26.62 34.75
C SER B 49 4.55 -25.79 36.06
N GLU B 50 4.79 -24.48 35.92
CA GLU B 50 4.90 -23.53 37.04
C GLU B 50 3.56 -23.08 37.61
N LEU B 51 2.56 -22.89 36.74
CA LEU B 51 1.31 -22.30 37.14
C LEU B 51 0.16 -23.04 36.40
N PRO B 52 -0.01 -24.34 36.69
CA PRO B 52 -0.96 -25.11 35.90
C PRO B 52 -2.38 -24.62 36.03
N ASP B 53 -2.77 -24.10 37.19
CA ASP B 53 -4.17 -23.65 37.38
C ASP B 53 -4.56 -22.46 36.49
N TYR B 54 -3.58 -21.68 36.07
CA TYR B 54 -3.86 -20.59 35.14
C TYR B 54 -4.48 -21.15 33.86
N TYR B 55 -3.92 -22.26 33.38
CA TYR B 55 -4.33 -22.87 32.13
C TYR B 55 -5.64 -23.65 32.23
N LEU B 56 -6.05 -24.06 33.43
CA LEU B 56 -7.39 -24.63 33.67
C LEU B 56 -8.45 -23.56 33.56
N THR B 57 -8.19 -22.37 34.13
CA THR B 57 -9.15 -21.24 34.33
C THR B 57 -9.24 -20.31 33.11
N ILE B 58 -8.11 -20.03 32.49
CA ILE B 58 -8.03 -19.03 31.47
C ILE B 58 -7.98 -19.79 30.16
N LYS B 59 -9.00 -19.65 29.32
CA LYS B 59 -9.13 -20.50 28.14
C LYS B 59 -8.26 -20.09 26.99
N LYS B 60 -7.94 -18.81 26.85
CA LYS B 60 -7.06 -18.32 25.79
C LYS B 60 -5.85 -17.57 26.38
N PRO B 61 -4.84 -18.30 26.88
CA PRO B 61 -3.67 -17.65 27.45
C PRO B 61 -2.97 -16.74 26.44
N MET B 62 -2.52 -15.59 26.93
CA MET B 62 -1.92 -14.60 26.12
C MET B 62 -0.84 -13.85 26.91
N ASP B 63 0.25 -13.52 26.23
CA ASP B 63 1.30 -12.62 26.80
C ASP B 63 1.85 -11.75 25.69
N MET B 64 2.65 -10.76 26.06
CA MET B 64 3.13 -9.83 25.07
C MET B 64 4.11 -10.48 24.08
N GLU B 65 4.91 -11.46 24.53
CA GLU B 65 5.76 -12.17 23.59
C GLU B 65 4.97 -12.86 22.48
N LYS B 66 3.81 -13.43 22.83
CA LYS B 66 2.95 -14.10 21.87
C LYS B 66 2.37 -13.09 20.86
N ILE B 67 1.92 -11.94 21.38
CA ILE B 67 1.40 -10.89 20.52
C ILE B 67 2.49 -10.42 19.57
N ARG B 68 3.68 -10.18 20.10
CA ARG B 68 4.81 -9.70 19.25
C ARG B 68 5.15 -10.72 18.15
N SER B 69 5.15 -11.99 18.52
CA SER B 69 5.47 -13.08 17.55
C SER B 69 4.45 -13.13 16.43
N HIS B 70 3.18 -12.97 16.78
CA HIS B 70 2.15 -12.95 15.80
C HIS B 70 2.32 -11.76 14.85
N MET B 71 2.59 -10.61 15.42
CA MET B 71 2.86 -9.40 14.63
C MET B 71 4.01 -9.62 13.67
N MET B 72 5.09 -10.20 14.18
CA MET B 72 6.34 -10.35 13.37
C MET B 72 6.16 -11.38 12.26
N ALA B 73 5.26 -12.33 12.48
CA ALA B 73 4.98 -13.36 11.50
C ALA B 73 4.07 -12.81 10.42
N ASN B 74 3.66 -11.54 10.53
CA ASN B 74 2.78 -10.88 9.56
C ASN B 74 1.41 -11.47 9.55
N LYS B 75 0.96 -11.86 10.75
CA LYS B 75 -0.33 -12.50 10.90
C LYS B 75 -1.51 -11.64 11.36
N TYR B 76 -1.30 -10.36 11.76
CA TYR B 76 -2.43 -9.49 12.11
C TYR B 76 -2.88 -8.74 10.87
N GLN B 77 -4.20 -8.65 10.63
CA GLN B 77 -4.73 -7.99 9.44
C GLN B 77 -4.84 -6.46 9.64
N ASP B 78 -5.13 -6.01 10.86
CA ASP B 78 -5.18 -4.61 11.18
C ASP B 78 -4.95 -4.33 12.68
N ILE B 79 -4.94 -3.05 13.05
CA ILE B 79 -4.72 -2.62 14.44
C ILE B 79 -5.80 -3.25 15.33
N ASP B 80 -7.05 -3.26 14.86
CA ASP B 80 -8.11 -3.83 15.70
C ASP B 80 -7.87 -5.25 16.11
N SER B 81 -7.31 -6.04 15.23
CA SER B 81 -7.06 -7.41 15.52
C SER B 81 -6.00 -7.59 16.64
N MET B 82 -4.96 -6.76 16.61
CA MET B 82 -3.98 -6.76 17.70
C MET B 82 -4.58 -6.26 19.02
N VAL B 83 -5.37 -5.18 18.96
CA VAL B 83 -6.04 -4.66 20.12
C VAL B 83 -6.88 -5.75 20.79
N GLU B 84 -7.59 -6.55 19.99
CA GLU B 84 -8.35 -7.62 20.57
C GLU B 84 -7.49 -8.59 21.43
N ASP B 85 -6.26 -8.89 20.96
CA ASP B 85 -5.42 -9.80 21.75
C ASP B 85 -4.88 -9.16 23.03
N PHE B 86 -4.53 -7.88 22.95
CA PHE B 86 -4.17 -7.11 24.16
C PHE B 86 -5.35 -7.08 25.18
N VAL B 87 -6.54 -6.80 24.68
CA VAL B 87 -7.72 -6.79 25.55
C VAL B 87 -7.93 -8.12 26.22
N MET B 88 -7.81 -9.21 25.47
CA MET B 88 -7.97 -10.50 26.05
C MET B 88 -6.92 -10.72 27.13
N MET B 89 -5.69 -10.34 26.84
CA MET B 89 -4.62 -10.48 27.86
C MET B 89 -4.98 -9.71 29.15
N PHE B 90 -5.43 -8.47 29.02
CA PHE B 90 -5.75 -7.71 30.19
C PHE B 90 -6.94 -8.24 30.95
N ASN B 91 -7.94 -8.73 30.21
CA ASN B 91 -9.11 -9.33 30.80
C ASN B 91 -8.70 -10.67 31.50
N ASN B 92 -7.81 -11.46 30.89
CA ASN B 92 -7.27 -12.63 31.54
C ASN B 92 -6.61 -12.26 32.90
N ALA B 93 -5.73 -11.25 32.88
CA ALA B 93 -5.08 -10.81 34.12
C ALA B 93 -6.11 -10.42 35.21
N CYS B 94 -7.20 -9.78 34.77
CA CYS B 94 -8.22 -9.21 35.66
C CYS B 94 -9.22 -10.24 36.08
N THR B 95 -9.17 -11.42 35.47
CA THR B 95 -9.99 -12.57 35.85
C THR B 95 -9.23 -13.54 36.75
N TYR B 96 -7.98 -13.83 36.40
CA TYR B 96 -7.15 -14.71 37.25
C TYR B 96 -6.70 -14.08 38.55
N ASN B 97 -6.33 -12.79 38.51
CA ASN B 97 -5.80 -12.13 39.66
C ASN B 97 -6.90 -11.35 40.43
N GLU B 98 -6.66 -11.22 41.72
CA GLU B 98 -7.63 -10.59 42.61
C GLU B 98 -7.70 -9.10 42.33
N PRO B 99 -8.87 -8.50 42.54
CA PRO B 99 -9.03 -7.08 42.24
C PRO B 99 -8.10 -6.13 43.06
N GLU B 100 -7.72 -6.54 44.25
CA GLU B 100 -6.78 -5.78 45.11
C GLU B 100 -5.31 -5.88 44.69
N SER B 101 -4.97 -6.77 43.72
CA SER B 101 -3.58 -7.00 43.32
C SER B 101 -3.08 -5.87 42.44
N LEU B 102 -1.76 -5.70 42.49
CA LEU B 102 -1.02 -4.74 41.65
C LEU B 102 -1.25 -5.04 40.16
N ILE B 103 -1.17 -6.27 39.79
CA ILE B 103 -1.26 -6.66 38.38
C ILE B 103 -2.64 -6.32 37.81
N TYR B 104 -3.68 -6.51 38.65
CA TYR B 104 -5.02 -6.18 38.24
C TYR B 104 -5.11 -4.67 37.91
N LYS B 105 -4.59 -3.85 38.81
CA LYS B 105 -4.69 -2.41 38.63
C LYS B 105 -3.88 -1.98 37.39
N ASP B 106 -2.69 -2.59 37.23
CA ASP B 106 -1.84 -2.22 36.07
C ASP B 106 -2.39 -2.64 34.72
N ALA B 107 -3.09 -3.78 34.70
CA ALA B 107 -3.78 -4.22 33.48
C ALA B 107 -4.78 -3.17 33.03
N LEU B 108 -5.47 -2.56 33.99
CA LEU B 108 -6.49 -1.60 33.61
C LEU B 108 -5.91 -0.29 33.13
N VAL B 109 -4.78 0.12 33.71
CA VAL B 109 -4.08 1.32 33.28
C VAL B 109 -3.65 1.08 31.87
N LEU B 110 -3.05 -0.09 31.60
CA LEU B 110 -2.58 -0.38 30.25
C LEU B 110 -3.70 -0.54 29.20
N HIS B 111 -4.84 -1.10 29.58
CA HIS B 111 -6.02 -1.15 28.70
C HIS B 111 -6.40 0.29 28.25
N LYS B 112 -6.38 1.24 29.18
CA LYS B 112 -6.69 2.63 28.87
C LYS B 112 -5.62 3.20 27.94
N VAL B 113 -4.36 2.93 28.26
CA VAL B 113 -3.24 3.38 27.41
C VAL B 113 -3.34 2.85 25.99
N LEU B 114 -3.67 1.58 25.83
CA LEU B 114 -3.85 0.95 24.55
C LEU B 114 -4.92 1.65 23.73
N LEU B 115 -6.08 1.90 24.34
CA LEU B 115 -7.21 2.46 23.60
C LEU B 115 -6.98 3.92 23.23
N GLU B 116 -6.23 4.67 24.02
CA GLU B 116 -5.79 6.01 23.67
C GLU B 116 -4.80 5.94 22.49
N THR B 117 -4.01 4.87 22.44
CA THR B 117 -3.11 4.65 21.32
C THR B 117 -3.86 4.33 20.03
N ARG B 118 -4.88 3.46 20.05
CA ARG B 118 -5.58 3.16 18.78
C ARG B 118 -6.23 4.44 18.25
N ARG B 119 -7.01 5.10 19.10
CA ARG B 119 -7.59 6.42 18.83
C ARG B 119 -6.59 7.42 18.22
N ASP B 120 -5.38 7.48 18.77
CA ASP B 120 -4.36 8.44 18.33
C ASP B 120 -3.86 8.35 16.88
N LEU B 121 -4.06 7.23 16.19
CA LEU B 121 -3.95 7.22 14.73
C LEU B 121 -4.58 5.96 14.14
N TYR C 12 -24.15 -4.96 16.84
CA TYR C 12 -25.53 -4.45 17.10
C TYR C 12 -25.78 -3.08 16.45
N MET C 13 -27.01 -2.85 15.97
CA MET C 13 -27.37 -1.59 15.32
C MET C 13 -28.68 -1.04 15.86
N THR C 14 -28.65 0.21 16.28
CA THR C 14 -29.86 0.97 16.62
C THR C 14 -30.74 1.16 15.37
N PRO C 15 -32.05 1.40 15.53
CA PRO C 15 -32.86 1.58 14.32
C PRO C 15 -32.40 2.78 13.46
N MET C 16 -31.78 3.79 14.08
CA MET C 16 -31.18 4.88 13.31
C MET C 16 -30.00 4.35 12.49
N GLN C 17 -29.13 3.58 13.12
CA GLN C 17 -28.01 2.99 12.41
C GLN C 17 -28.52 2.17 11.22
N GLN C 18 -29.58 1.40 11.43
CA GLN C 18 -30.14 0.60 10.32
C GLN C 18 -30.55 1.43 9.11
N LYS C 19 -31.20 2.56 9.35
CA LYS C 19 -31.60 3.46 8.26
C LYS C 19 -30.38 4.20 7.61
N LEU C 20 -29.41 4.58 8.42
CA LEU C 20 -28.14 5.15 7.91
C LEU C 20 -27.42 4.13 7.05
N ASN C 21 -27.38 2.91 7.54
CA ASN C 21 -26.66 1.85 6.86
C ASN C 21 -27.20 1.64 5.44
N GLU C 22 -28.52 1.79 5.24
CA GLU C 22 -29.10 1.61 3.91
C GLU C 22 -28.64 2.65 2.90
N VAL C 23 -28.52 3.90 3.37
CA VAL C 23 -28.01 4.99 2.56
C VAL C 23 -26.53 4.75 2.28
N TYR C 24 -25.73 4.44 3.31
CA TYR C 24 -24.31 4.12 3.16
C TYR C 24 -24.07 3.00 2.16
N GLU C 25 -24.81 1.91 2.29
CA GLU C 25 -24.57 0.76 1.43
C GLU C 25 -24.99 1.04 -0.01
N ALA C 26 -26.03 1.84 -0.22
CA ALA C 26 -26.44 2.15 -1.59
C ALA C 26 -25.31 2.88 -2.38
N VAL C 27 -24.65 3.80 -1.68
CA VAL C 27 -23.48 4.49 -2.26
C VAL C 27 -22.32 3.54 -2.44
N LYS C 28 -21.99 2.76 -1.38
CA LYS C 28 -20.85 1.88 -1.43
C LYS C 28 -20.95 0.83 -2.55
N ASN C 29 -22.15 0.28 -2.75
CA ASN C 29 -22.34 -0.89 -3.63
C ASN C 29 -22.68 -0.56 -5.08
N TYR C 30 -22.89 0.71 -5.39
CA TYR C 30 -23.22 1.13 -6.76
C TYR C 30 -22.10 0.75 -7.72
N THR C 31 -22.42 0.15 -8.88
CA THR C 31 -21.44 -0.10 -9.92
C THR C 31 -21.94 0.47 -11.21
N ASP C 32 -21.00 0.77 -12.11
CA ASP C 32 -21.37 1.14 -13.45
C ASP C 32 -21.73 -0.05 -14.30
N LYS C 33 -22.06 0.21 -15.56
CA LYS C 33 -22.55 -0.91 -16.40
C LYS C 33 -21.51 -1.98 -16.64
N ARG C 34 -20.23 -1.71 -16.38
CA ARG C 34 -19.20 -2.74 -16.53
C ARG C 34 -18.84 -3.40 -15.18
N GLY C 35 -19.55 -3.08 -14.11
CA GLY C 35 -19.31 -3.63 -12.81
C GLY C 35 -18.20 -3.01 -12.00
N ARG C 36 -17.78 -1.80 -12.42
CA ARG C 36 -16.81 -1.07 -11.65
C ARG C 36 -17.44 -0.43 -10.42
N ARG C 37 -16.84 -0.63 -9.25
CA ARG C 37 -17.40 -0.09 -8.03
C ARG C 37 -16.83 1.36 -7.86
N LEU C 38 -17.71 2.34 -8.07
CA LEU C 38 -17.30 3.72 -8.05
C LEU C 38 -16.78 4.21 -6.70
N SER C 39 -17.33 3.70 -5.60
CA SER C 39 -16.96 4.11 -4.25
C SER C 39 -15.56 3.78 -3.86
N ALA C 40 -14.92 2.79 -4.53
CA ALA C 40 -13.61 2.33 -4.06
C ALA C 40 -12.61 3.45 -3.83
N ILE C 41 -12.53 4.39 -4.77
CA ILE C 41 -11.59 5.48 -4.66
C ILE C 41 -11.91 6.46 -3.53
N PHE C 42 -13.16 6.44 -3.07
CA PHE C 42 -13.58 7.34 -2.02
C PHE C 42 -13.44 6.77 -0.60
N LEU C 43 -13.04 5.51 -0.44
CA LEU C 43 -13.03 4.92 0.92
C LEU C 43 -12.08 5.68 1.82
N ARG C 44 -10.91 6.04 1.31
CA ARG C 44 -9.90 6.65 2.15
C ARG C 44 -9.12 7.72 1.40
N LEU C 45 -9.08 8.89 1.97
CA LEU C 45 -8.20 9.92 1.57
C LEU C 45 -6.74 9.56 1.81
N PRO C 46 -5.86 9.84 0.85
CA PRO C 46 -4.42 9.80 1.23
C PRO C 46 -4.09 10.70 2.45
N SER C 47 -3.02 10.33 3.18
CA SER C 47 -2.60 11.07 4.34
C SER C 47 -2.02 12.43 4.05
N ARG C 48 -1.93 13.19 5.11
CA ARG C 48 -1.31 14.54 5.06
C ARG C 48 0.12 14.52 4.60
N SER C 49 0.82 13.41 4.81
CA SER C 49 2.17 13.22 4.34
C SER C 49 2.20 12.80 2.91
N GLU C 50 1.26 11.95 2.50
CA GLU C 50 1.17 11.46 1.13
C GLU C 50 0.80 12.56 0.13
N LEU C 51 -0.12 13.45 0.51
CA LEU C 51 -0.70 14.35 -0.44
C LEU C 51 -0.97 15.68 0.25
N PRO C 52 0.10 16.38 0.65
CA PRO C 52 -0.16 17.62 1.39
C PRO C 52 -0.91 18.71 0.64
N ASP C 53 -0.73 18.77 -0.68
CA ASP C 53 -1.43 19.74 -1.53
C ASP C 53 -2.98 19.64 -1.38
N TYR C 54 -3.49 18.43 -1.12
CA TYR C 54 -4.95 18.25 -1.02
C TYR C 54 -5.48 19.02 0.20
N TYR C 55 -4.73 19.00 1.29
CA TYR C 55 -5.12 19.65 2.55
C TYR C 55 -4.88 21.16 2.56
N LEU C 56 -4.11 21.65 1.61
CA LEU C 56 -4.02 23.11 1.37
C LEU C 56 -5.21 23.63 0.55
N THR C 57 -5.87 22.76 -0.20
CA THR C 57 -6.95 23.13 -1.16
C THR C 57 -8.33 22.90 -0.59
N ILE C 58 -8.48 21.83 0.20
CA ILE C 58 -9.75 21.35 0.71
C ILE C 58 -9.81 21.62 2.20
N LYS C 59 -10.66 22.53 2.62
CA LYS C 59 -10.68 22.89 4.05
C LYS C 59 -11.33 21.90 4.99
N LYS C 60 -12.27 21.06 4.52
CA LYS C 60 -12.92 20.02 5.37
C LYS C 60 -12.84 18.64 4.72
N PRO C 61 -11.69 17.98 4.87
CA PRO C 61 -11.49 16.65 4.25
C PRO C 61 -12.45 15.60 4.76
N MET C 62 -12.84 14.71 3.86
CA MET C 62 -13.85 13.71 4.19
C MET C 62 -13.65 12.49 3.32
N ASP C 63 -13.81 11.31 3.90
CA ASP C 63 -13.81 10.08 3.13
C ASP C 63 -14.84 9.14 3.68
N MET C 64 -15.10 8.04 2.97
CA MET C 64 -16.15 7.15 3.40
C MET C 64 -15.85 6.36 4.68
N GLU C 65 -14.57 6.11 4.95
CA GLU C 65 -14.18 5.50 6.24
C GLU C 65 -14.53 6.38 7.42
N LYS C 66 -14.31 7.71 7.34
CA LYS C 66 -14.66 8.59 8.41
C LYS C 66 -16.17 8.48 8.64
N ILE C 67 -16.93 8.55 7.57
CA ILE C 67 -18.38 8.47 7.68
C ILE C 67 -18.82 7.14 8.29
N ARG C 68 -18.23 6.04 7.85
CA ARG C 68 -18.60 4.71 8.28
C ARG C 68 -18.27 4.54 9.78
N SER C 69 -17.13 5.10 10.21
CA SER C 69 -16.71 5.02 11.59
C SER C 69 -17.67 5.76 12.48
N HIS C 70 -18.08 6.93 12.03
CA HIS C 70 -19.01 7.77 12.83
C HIS C 70 -20.37 7.08 12.89
N MET C 71 -20.81 6.51 11.78
CA MET C 71 -22.10 5.79 11.76
C MET C 71 -22.07 4.58 12.73
N MET C 72 -21.04 3.75 12.64
CA MET C 72 -20.92 2.57 13.51
C MET C 72 -20.66 2.90 15.01
N ALA C 73 -20.14 4.09 15.30
CA ALA C 73 -20.06 4.58 16.71
C ALA C 73 -21.39 5.04 17.24
N ASN C 74 -22.45 5.04 16.39
CA ASN C 74 -23.78 5.53 16.75
C ASN C 74 -23.86 7.02 17.03
N LYS C 75 -23.07 7.82 16.32
CA LYS C 75 -22.92 9.22 16.57
C LYS C 75 -23.71 10.12 15.63
N TYR C 76 -24.22 9.61 14.51
CA TYR C 76 -25.13 10.44 13.67
C TYR C 76 -26.52 10.49 14.32
N GLN C 77 -27.09 11.68 14.45
CA GLN C 77 -28.43 11.86 15.05
C GLN C 77 -29.55 11.72 14.02
N ASP C 78 -29.25 11.94 12.74
CA ASP C 78 -30.26 11.77 11.68
C ASP C 78 -29.59 11.51 10.35
N ILE C 79 -30.37 10.97 9.42
CA ILE C 79 -29.92 10.70 8.07
C ILE C 79 -29.39 11.93 7.34
N ASP C 80 -30.02 13.09 7.52
CA ASP C 80 -29.57 14.29 6.80
C ASP C 80 -28.17 14.72 7.22
N SER C 81 -27.78 14.50 8.46
CA SER C 81 -26.40 14.76 8.90
C SER C 81 -25.36 13.91 8.15
N MET C 82 -25.66 12.63 7.88
CA MET C 82 -24.75 11.78 7.12
C MET C 82 -24.77 12.17 5.67
N VAL C 83 -25.94 12.43 5.13
CA VAL C 83 -26.00 12.86 3.74
C VAL C 83 -25.13 14.12 3.51
N GLU C 84 -25.17 15.05 4.45
CA GLU C 84 -24.36 16.28 4.38
C GLU C 84 -22.82 15.99 4.28
N ASP C 85 -22.38 14.95 4.99
CA ASP C 85 -20.99 14.55 4.92
C ASP C 85 -20.66 13.94 3.56
N PHE C 86 -21.52 13.09 3.03
CA PHE C 86 -21.35 12.62 1.63
C PHE C 86 -21.30 13.75 0.60
N VAL C 87 -22.23 14.73 0.68
CA VAL C 87 -22.26 15.87 -0.25
C VAL C 87 -20.91 16.63 -0.18
N MET C 88 -20.45 16.86 1.02
CA MET C 88 -19.16 17.54 1.24
C MET C 88 -18.03 16.76 0.58
N MET C 89 -18.04 15.46 0.75
CA MET C 89 -17.04 14.58 0.15
C MET C 89 -17.06 14.71 -1.34
N PHE C 90 -18.24 14.57 -1.94
CA PHE C 90 -18.33 14.61 -3.38
C PHE C 90 -18.00 16.00 -3.92
N ASN C 91 -18.41 17.04 -3.19
CA ASN C 91 -18.02 18.40 -3.58
C ASN C 91 -16.52 18.63 -3.49
N ASN C 92 -15.87 18.06 -2.45
CA ASN C 92 -14.43 18.11 -2.36
C ASN C 92 -13.75 17.46 -3.55
N ALA C 93 -14.28 16.29 -3.94
CA ALA C 93 -13.65 15.59 -5.08
C ALA C 93 -13.74 16.39 -6.35
N CYS C 94 -14.87 17.04 -6.60
CA CYS C 94 -15.05 17.89 -7.80
C CYS C 94 -14.25 19.20 -7.73
N THR C 95 -13.98 19.64 -6.51
CA THR C 95 -13.18 20.87 -6.26
C THR C 95 -11.75 20.63 -6.59
N TYR C 96 -11.17 19.53 -6.06
CA TYR C 96 -9.78 19.21 -6.24
C TYR C 96 -9.44 18.67 -7.62
N ASN C 97 -10.32 17.85 -8.20
CA ASN C 97 -9.97 17.09 -9.42
C ASN C 97 -10.55 17.76 -10.67
N GLU C 98 -9.99 17.46 -11.83
CA GLU C 98 -10.44 18.01 -13.09
C GLU C 98 -11.77 17.42 -13.54
N PRO C 99 -12.62 18.16 -14.25
CA PRO C 99 -13.87 17.63 -14.78
C PRO C 99 -13.70 16.44 -15.74
N GLU C 100 -12.53 16.33 -16.39
CA GLU C 100 -12.25 15.25 -17.30
C GLU C 100 -11.80 13.98 -16.58
N SER C 101 -11.44 14.11 -15.30
CA SER C 101 -10.99 12.92 -14.52
C SER C 101 -12.11 11.98 -14.16
N LEU C 102 -11.79 10.69 -14.14
CA LEU C 102 -12.76 9.72 -13.73
C LEU C 102 -13.29 9.93 -12.33
N ILE C 103 -12.44 10.35 -11.40
CA ILE C 103 -12.89 10.57 -10.03
C ILE C 103 -13.96 11.67 -9.95
N TYR C 104 -13.75 12.75 -10.72
CA TYR C 104 -14.75 13.85 -10.74
C TYR C 104 -16.07 13.32 -11.31
N LYS C 105 -16.03 12.58 -12.43
CA LYS C 105 -17.23 12.02 -13.05
C LYS C 105 -17.94 11.04 -12.10
N ASP C 106 -17.15 10.26 -11.38
CA ASP C 106 -17.70 9.29 -10.42
C ASP C 106 -18.36 10.00 -9.22
N ALA C 107 -17.76 11.11 -8.77
CA ALA C 107 -18.31 11.88 -7.65
C ALA C 107 -19.70 12.39 -8.07
N LEU C 108 -19.81 12.90 -9.29
CA LEU C 108 -21.09 13.31 -9.81
C LEU C 108 -22.13 12.20 -9.82
N VAL C 109 -21.75 11.04 -10.32
CA VAL C 109 -22.69 9.89 -10.39
C VAL C 109 -23.17 9.47 -8.99
N LEU C 110 -22.21 9.28 -8.08
CA LEU C 110 -22.54 8.87 -6.74
C LEU C 110 -23.37 9.93 -5.98
N HIS C 111 -23.10 11.22 -6.24
CA HIS C 111 -23.77 12.28 -5.62
C HIS C 111 -25.25 12.20 -6.05
N LYS C 112 -25.50 11.96 -7.32
CA LYS C 112 -26.91 11.67 -7.75
C LYS C 112 -27.50 10.42 -7.14
N VAL C 113 -26.75 9.34 -7.07
CA VAL C 113 -27.23 8.11 -6.40
C VAL C 113 -27.67 8.43 -4.98
N LEU C 114 -26.86 9.19 -4.26
CA LEU C 114 -27.11 9.57 -2.88
C LEU C 114 -28.40 10.34 -2.75
N LEU C 115 -28.61 11.33 -3.60
CA LEU C 115 -29.74 12.25 -3.41
C LEU C 115 -31.04 11.52 -3.77
N GLU C 116 -30.97 10.60 -4.73
CA GLU C 116 -32.11 9.77 -5.11
C GLU C 116 -32.46 8.72 -4.09
N THR C 117 -31.44 8.20 -3.39
CA THR C 117 -31.64 7.23 -2.33
C THR C 117 -32.30 7.92 -1.15
N ARG C 118 -31.79 9.08 -0.75
CA ARG C 118 -32.42 9.80 0.37
C ARG C 118 -33.85 10.15 0.01
N ARG C 119 -34.06 10.62 -1.21
CA ARG C 119 -35.40 10.97 -1.65
C ARG C 119 -36.39 9.80 -1.39
N ASP C 120 -36.02 8.59 -1.78
CA ASP C 120 -36.95 7.43 -1.73
C ASP C 120 -37.20 6.84 -0.34
N TYR D 12 40.16 9.65 -25.64
CA TYR D 12 39.33 10.45 -26.58
C TYR D 12 37.85 10.03 -26.48
N MET D 13 36.97 11.01 -26.38
CA MET D 13 35.56 10.77 -26.12
C MET D 13 34.73 11.71 -27.02
N THR D 14 33.82 11.15 -27.84
CA THR D 14 32.96 11.96 -28.73
C THR D 14 32.17 12.99 -27.91
N PRO D 15 31.69 14.10 -28.55
CA PRO D 15 30.78 15.02 -27.83
C PRO D 15 29.55 14.27 -27.26
N MET D 16 29.12 13.26 -28.02
CA MET D 16 28.09 12.28 -27.58
C MET D 16 28.44 11.71 -26.20
N GLN D 17 29.58 11.00 -26.16
CA GLN D 17 30.03 10.29 -24.96
C GLN D 17 30.29 11.20 -23.76
N GLN D 18 30.56 12.50 -24.02
CA GLN D 18 30.82 13.47 -22.94
C GLN D 18 29.55 13.89 -22.23
N LYS D 19 28.49 14.13 -23.00
CA LYS D 19 27.19 14.43 -22.42
C LYS D 19 26.63 13.23 -21.60
N LEU D 20 26.94 12.03 -22.08
CA LEU D 20 26.54 10.78 -21.41
C LEU D 20 27.34 10.60 -20.15
N ASN D 21 28.63 10.85 -20.24
CA ASN D 21 29.46 10.74 -19.05
C ASN D 21 28.99 11.69 -17.96
N GLU D 22 28.52 12.85 -18.35
CA GLU D 22 27.99 13.84 -17.37
C GLU D 22 26.85 13.21 -16.55
N VAL D 23 25.93 12.57 -17.26
CA VAL D 23 24.77 11.99 -16.61
C VAL D 23 25.19 10.78 -15.77
N TYR D 24 26.02 9.90 -16.34
CA TYR D 24 26.59 8.75 -15.62
C TYR D 24 27.22 9.19 -14.32
N GLU D 25 28.07 10.21 -14.38
CA GLU D 25 28.79 10.70 -13.20
C GLU D 25 27.90 11.34 -12.13
N ALA D 26 26.83 12.00 -12.52
CA ALA D 26 25.82 12.51 -11.56
C ALA D 26 25.17 11.37 -10.74
N VAL D 27 24.84 10.27 -11.40
CA VAL D 27 24.26 9.12 -10.70
C VAL D 27 25.32 8.52 -9.83
N LYS D 28 26.50 8.26 -10.42
CA LYS D 28 27.56 7.64 -9.68
C LYS D 28 27.97 8.40 -8.41
N ASN D 29 28.03 9.72 -8.49
CA ASN D 29 28.66 10.52 -7.41
C ASN D 29 27.69 11.04 -6.38
N TYR D 30 26.38 10.84 -6.61
CA TYR D 30 25.39 11.28 -5.67
C TYR D 30 25.59 10.72 -4.26
N THR D 31 25.53 11.57 -3.25
CA THR D 31 25.61 11.10 -1.87
C THR D 31 24.40 11.60 -1.07
N ASP D 32 24.01 10.84 -0.04
CA ASP D 32 23.02 11.27 0.94
C ASP D 32 23.63 12.28 1.90
N LYS D 33 22.81 12.75 2.83
CA LYS D 33 23.28 13.74 3.82
C LYS D 33 24.44 13.32 4.71
N ARG D 34 24.61 12.01 4.95
CA ARG D 34 25.75 11.49 5.71
C ARG D 34 26.97 11.10 4.84
N GLY D 35 26.99 11.54 3.59
CA GLY D 35 28.10 11.22 2.68
C GLY D 35 28.07 9.83 2.06
N ARG D 36 26.99 9.06 2.25
CA ARG D 36 26.97 7.68 1.72
C ARG D 36 26.72 7.73 0.24
N ARG D 37 27.54 7.00 -0.50
CA ARG D 37 27.43 6.97 -1.95
C ARG D 37 26.41 5.89 -2.37
N LEU D 38 25.25 6.30 -2.84
CA LEU D 38 24.16 5.33 -3.13
C LEU D 38 24.50 4.33 -4.22
N SER D 39 25.31 4.77 -5.16
CA SER D 39 25.68 3.96 -6.29
C SER D 39 26.53 2.74 -6.00
N ALA D 40 27.24 2.73 -4.86
CA ALA D 40 28.20 1.66 -4.54
C ALA D 40 27.61 0.27 -4.75
N ILE D 41 26.39 0.03 -4.26
CA ILE D 41 25.81 -1.31 -4.34
C ILE D 41 25.34 -1.66 -5.75
N PHE D 42 25.18 -0.63 -6.63
CA PHE D 42 24.72 -0.82 -7.95
C PHE D 42 25.83 -1.03 -9.00
N LEU D 43 27.08 -0.95 -8.59
CA LEU D 43 28.16 -1.00 -9.61
C LEU D 43 28.24 -2.33 -10.31
N ARG D 44 28.14 -3.41 -9.54
CA ARG D 44 28.24 -4.71 -10.10
C ARG D 44 27.30 -5.71 -9.47
N LEU D 45 26.58 -6.43 -10.31
CA LEU D 45 25.78 -7.52 -9.82
C LEU D 45 26.77 -8.64 -9.42
N PRO D 46 26.40 -9.44 -8.45
CA PRO D 46 27.10 -10.69 -8.27
C PRO D 46 26.96 -11.59 -9.53
N SER D 47 27.85 -12.54 -9.66
CA SER D 47 27.76 -13.51 -10.73
C SER D 47 26.55 -14.46 -10.61
N ARG D 48 26.28 -15.14 -11.73
CA ARG D 48 25.26 -16.23 -11.77
C ARG D 48 25.58 -17.32 -10.79
N SER D 49 26.87 -17.61 -10.62
CA SER D 49 27.27 -18.55 -9.61
C SER D 49 27.10 -18.04 -8.19
N GLU D 50 27.29 -16.75 -7.95
CA GLU D 50 27.10 -16.17 -6.62
C GLU D 50 25.65 -15.98 -6.22
N LEU D 51 24.82 -15.63 -7.18
CA LEU D 51 23.43 -15.25 -6.88
C LEU D 51 22.48 -15.77 -7.96
N PRO D 52 22.36 -17.09 -8.11
CA PRO D 52 21.56 -17.65 -9.24
C PRO D 52 20.11 -17.24 -9.21
N ASP D 53 19.54 -17.09 -8.03
CA ASP D 53 18.16 -16.70 -7.88
C ASP D 53 17.86 -15.34 -8.52
N TYR D 54 18.81 -14.43 -8.49
CA TYR D 54 18.59 -13.14 -9.15
C TYR D 54 18.34 -13.29 -10.66
N TYR D 55 19.10 -14.20 -11.29
CA TYR D 55 19.06 -14.37 -12.74
C TYR D 55 17.85 -15.17 -13.21
N LEU D 56 17.21 -15.88 -12.28
CA LEU D 56 15.91 -16.48 -12.55
C LEU D 56 14.79 -15.45 -12.50
N THR D 57 14.85 -14.59 -11.50
CA THR D 57 13.85 -13.54 -11.26
C THR D 57 13.93 -12.39 -12.23
N ILE D 58 15.14 -11.95 -12.54
CA ILE D 58 15.40 -10.75 -13.34
C ILE D 58 15.85 -11.17 -14.74
N LYS D 59 15.00 -10.91 -15.69
CA LYS D 59 15.26 -11.38 -17.05
C LYS D 59 16.23 -10.52 -17.84
N LYS D 60 16.36 -9.22 -17.52
CA LYS D 60 17.37 -8.34 -18.15
C LYS D 60 18.32 -7.73 -17.13
N PRO D 61 19.29 -8.50 -16.72
CA PRO D 61 20.17 -8.00 -15.65
C PRO D 61 20.96 -6.75 -16.06
N MET D 62 21.13 -5.81 -15.15
CA MET D 62 21.82 -4.57 -15.49
C MET D 62 22.54 -4.05 -14.25
N ASP D 63 23.73 -3.51 -14.44
CA ASP D 63 24.49 -2.83 -13.40
C ASP D 63 25.23 -1.65 -13.98
N MET D 64 25.81 -0.84 -13.10
CA MET D 64 26.42 0.39 -13.57
C MET D 64 27.69 0.17 -14.37
N GLU D 65 28.41 -0.87 -14.05
CA GLU D 65 29.57 -1.19 -14.88
C GLU D 65 29.17 -1.61 -16.29
N LYS D 66 28.05 -2.28 -16.49
CA LYS D 66 27.64 -2.59 -17.86
C LYS D 66 27.27 -1.33 -18.61
N ILE D 67 26.61 -0.40 -17.92
CA ILE D 67 26.23 0.88 -18.51
C ILE D 67 27.52 1.62 -18.90
N ARG D 68 28.47 1.68 -17.97
CA ARG D 68 29.74 2.39 -18.20
C ARG D 68 30.47 1.79 -19.39
N SER D 69 30.56 0.48 -19.48
CA SER D 69 31.21 -0.16 -20.64
CA SER D 69 31.25 -0.13 -20.63
C SER D 69 30.54 0.20 -21.96
N HIS D 70 29.22 0.22 -21.94
CA HIS D 70 28.45 0.47 -23.15
C HIS D 70 28.70 1.88 -23.67
N MET D 71 28.68 2.81 -22.72
CA MET D 71 29.00 4.20 -22.98
C MET D 71 30.40 4.40 -23.54
N MET D 72 31.39 3.79 -22.90
CA MET D 72 32.81 3.95 -23.31
C MET D 72 33.17 3.27 -24.62
N ALA D 73 32.32 2.37 -25.08
CA ALA D 73 32.41 1.82 -26.41
C ALA D 73 31.58 2.66 -27.42
N ASN D 74 31.21 3.90 -27.06
CA ASN D 74 30.32 4.76 -27.87
C ASN D 74 29.18 4.02 -28.55
N LYS D 75 28.33 3.38 -27.74
CA LYS D 75 27.18 2.62 -28.23
C LYS D 75 25.82 3.27 -27.96
N TYR D 76 25.77 4.23 -27.03
CA TYR D 76 24.54 4.99 -26.78
C TYR D 76 24.44 6.14 -27.77
N GLN D 77 23.39 6.15 -28.58
CA GLN D 77 23.22 7.21 -29.59
C GLN D 77 22.76 8.54 -28.98
N ASP D 78 22.10 8.50 -27.81
CA ASP D 78 21.67 9.72 -27.11
C ASP D 78 21.45 9.45 -25.61
N ILE D 79 21.08 10.50 -24.86
CA ILE D 79 20.92 10.42 -23.42
C ILE D 79 19.75 9.49 -23.07
N ASP D 80 18.63 9.58 -23.79
CA ASP D 80 17.48 8.72 -23.49
C ASP D 80 17.77 7.21 -23.55
N SER D 81 18.69 6.79 -24.41
CA SER D 81 19.05 5.39 -24.53
C SER D 81 19.79 4.93 -23.26
N MET D 82 20.65 5.80 -22.72
CA MET D 82 21.36 5.49 -21.46
C MET D 82 20.38 5.51 -20.29
N VAL D 83 19.48 6.48 -20.31
CA VAL D 83 18.41 6.55 -19.32
C VAL D 83 17.58 5.28 -19.28
N GLU D 84 17.25 4.70 -20.43
CA GLU D 84 16.51 3.45 -20.47
C GLU D 84 17.21 2.34 -19.62
N ASP D 85 18.51 2.21 -19.77
CA ASP D 85 19.24 1.17 -19.05
C ASP D 85 19.35 1.43 -17.55
N PHE D 86 19.54 2.70 -17.14
CA PHE D 86 19.49 3.01 -15.73
C PHE D 86 18.12 2.66 -15.12
N VAL D 87 17.04 3.08 -15.81
CA VAL D 87 15.68 2.80 -15.34
C VAL D 87 15.43 1.30 -15.23
N MET D 88 15.94 0.54 -16.18
CA MET D 88 15.82 -0.90 -16.11
C MET D 88 16.51 -1.41 -14.84
N MET D 89 17.70 -0.92 -14.59
CA MET D 89 18.42 -1.31 -13.36
C MET D 89 17.67 -1.00 -12.05
N PHE D 90 17.18 0.24 -11.93
CA PHE D 90 16.39 0.64 -10.81
C PHE D 90 15.12 -0.22 -10.72
N ASN D 91 14.48 -0.49 -11.85
CA ASN D 91 13.29 -1.33 -11.81
C ASN D 91 13.62 -2.77 -11.35
N ASN D 92 14.76 -3.32 -11.80
CA ASN D 92 15.21 -4.62 -11.39
C ASN D 92 15.44 -4.65 -9.87
N ALA D 93 16.05 -3.62 -9.33
CA ALA D 93 16.26 -3.55 -7.87
C ALA D 93 14.95 -3.57 -7.07
N CYS D 94 13.95 -2.87 -7.59
CA CYS D 94 12.65 -2.78 -6.91
C CYS D 94 11.91 -4.07 -7.09
N THR D 95 12.10 -4.78 -8.18
CA THR D 95 11.50 -6.10 -8.38
C THR D 95 12.08 -7.14 -7.43
N TYR D 96 13.42 -7.15 -7.30
CA TYR D 96 14.08 -8.20 -6.55
C TYR D 96 13.98 -8.01 -5.03
N ASN D 97 14.12 -6.76 -4.60
CA ASN D 97 14.36 -6.39 -3.23
C ASN D 97 13.08 -5.91 -2.51
N GLU D 98 13.12 -5.95 -1.18
CA GLU D 98 11.94 -5.55 -0.38
C GLU D 98 11.82 -4.04 -0.31
N PRO D 99 10.59 -3.51 -0.27
CA PRO D 99 10.43 -2.03 -0.21
C PRO D 99 11.09 -1.36 0.94
N GLU D 100 11.25 -2.07 2.07
CA GLU D 100 11.90 -1.47 3.21
C GLU D 100 13.42 -1.56 3.17
N SER D 101 13.95 -2.35 2.25
CA SER D 101 15.42 -2.43 2.11
C SER D 101 16.09 -1.17 1.62
N LEU D 102 17.33 -0.96 2.08
CA LEU D 102 18.04 0.24 1.67
C LEU D 102 18.28 0.29 0.18
N ILE D 103 18.55 -0.84 -0.47
CA ILE D 103 18.84 -0.84 -1.88
C ILE D 103 17.58 -0.42 -2.68
N TYR D 104 16.42 -0.85 -2.20
CA TYR D 104 15.18 -0.41 -2.85
C TYR D 104 14.99 1.08 -2.68
N LYS D 105 15.17 1.56 -1.46
CA LYS D 105 15.02 3.02 -1.23
C LYS D 105 16.04 3.79 -2.06
N ASP D 106 17.27 3.28 -2.20
CA ASP D 106 18.28 3.97 -2.96
C ASP D 106 17.98 4.03 -4.48
N ALA D 107 17.36 2.94 -4.98
CA ALA D 107 16.89 2.87 -6.35
C ALA D 107 15.88 3.97 -6.64
N LEU D 108 14.96 4.20 -5.70
CA LEU D 108 13.99 5.25 -5.94
C LEU D 108 14.65 6.62 -5.90
N VAL D 109 15.62 6.80 -5.00
CA VAL D 109 16.29 8.12 -4.91
C VAL D 109 17.06 8.39 -6.21
N LEU D 110 17.82 7.39 -6.69
CA LEU D 110 18.65 7.56 -7.86
C LEU D 110 17.83 7.74 -9.10
N HIS D 111 16.65 7.14 -9.14
CA HIS D 111 15.69 7.42 -10.22
C HIS D 111 15.38 8.92 -10.26
N LYS D 112 15.04 9.49 -9.13
CA LYS D 112 14.76 10.96 -9.08
C LYS D 112 16.03 11.75 -9.46
N VAL D 113 17.20 11.33 -8.98
CA VAL D 113 18.45 12.01 -9.39
C VAL D 113 18.67 11.97 -10.90
N LEU D 114 18.41 10.80 -11.49
CA LEU D 114 18.60 10.65 -12.90
C LEU D 114 17.61 11.56 -13.68
N LEU D 115 16.35 11.60 -13.23
CA LEU D 115 15.33 12.45 -13.89
C LEU D 115 15.71 13.92 -13.81
N GLU D 116 16.17 14.35 -12.64
CA GLU D 116 16.57 15.77 -12.45
C GLU D 116 17.70 16.17 -13.35
N THR D 117 18.68 15.29 -13.45
CA THR D 117 19.86 15.49 -14.28
C THR D 117 19.49 15.51 -15.78
N ARG D 118 18.68 14.56 -16.27
CA ARG D 118 18.28 14.54 -17.68
C ARG D 118 17.48 15.79 -18.04
N ARG D 119 16.63 16.24 -17.12
CA ARG D 119 15.93 17.52 -17.27
C ARG D 119 16.85 18.71 -17.60
N ASP D 120 18.00 18.76 -16.92
CA ASP D 120 18.93 19.91 -16.99
C ASP D 120 20.18 19.64 -17.85
C4 5XK E . -3.49 10.13 -11.29
C14 5XK E . -2.91 4.36 -15.41
C5 5XK E . -3.02 9.37 -14.21
C6 5XK E . -3.79 8.32 -14.44
C11 5XK E . -5.12 2.59 -15.37
C7 5XK E . -5.28 8.24 -14.30
C8 5XK E . -5.65 6.78 -14.45
C9 5XK E . -4.23 4.80 -15.16
C10 5XK E . -5.31 3.93 -15.13
C12 5XK E . -3.83 2.11 -15.62
C13 5XK E . -2.75 2.97 -15.61
N1 5XK E . -2.10 6.67 -15.08
C3 5XK E . -2.91 11.03 -12.38
CL 5XK E . -1.18 2.21 -15.68
C15 5XK E . -1.80 5.35 -15.41
O 5XK E . -0.68 5.06 -15.80
C16 5XK E . -3.32 7.02 -14.83
N 5XK E . -4.40 6.16 -14.88
C2 5XK E . -3.44 10.74 -13.75
C1 5XK E . -2.86 11.73 -14.78
C 5XK E . -3.56 11.67 -16.10
S DMS F . -7.51 0.25 -22.39
O DMS F . -6.25 -0.21 -21.72
C1 DMS F . -7.18 1.40 -23.61
C2 DMS F . -8.19 -1.04 -23.28
C4 5XK G . 1.69 -11.08 39.83
C14 5XK G . -0.35 -12.58 33.21
C5 5XK G . 0.50 -13.37 38.29
C6 5XK G . 1.08 -13.29 37.09
C11 5XK G . 1.61 -12.34 31.22
C7 5XK G . 2.58 -13.37 36.84
C8 5XK G . 2.74 -13.09 35.36
C9 5XK G . 1.02 -12.73 33.51
C10 5XK G . 1.99 -12.62 32.52
C12 5XK G . 0.28 -12.12 30.91
C13 5XK G . -0.69 -12.22 31.90
N1 5XK G . -0.86 -13.02 35.58
C3 5XK G . 1.00 -12.26 40.46
CL 5XK G . -2.29 -11.76 31.46
C15 5XK G . -1.33 -12.79 34.29
O 5XK G . -2.55 -12.83 34.06
C16 5XK G . 0.43 -13.09 35.84
N 5XK G . 1.38 -12.97 34.85
C2 5XK G . 1.18 -13.53 39.62
C1 5XK G . 0.59 -14.74 40.36
C 5XK G . 0.78 -16.04 39.63
C4 5XK H . -7.69 9.98 -8.48
C14 5XK H . -10.93 12.11 -2.63
C5 5XK H . -7.30 12.08 -6.28
C6 5XK H . -7.73 11.44 -5.19
C11 5XK H . -11.47 10.06 -0.77
C7 5XK H . -7.19 10.14 -4.64
C8 5XK H . -8.23 9.65 -3.66
C9 5XK H . -10.12 10.95 -2.54
C10 5XK H . -10.39 9.94 -1.63
C12 5XK H . -12.28 11.17 -0.83
C13 5XK H . -12.02 12.16 -1.76
N1 5XK H . -9.53 12.90 -4.51
C3 5XK H . -6.87 11.23 -8.58
CL 5XK H . -13.23 13.39 -1.88
C15 5XK H . -10.58 13.15 -3.63
O 5XK H . -11.09 14.27 -3.62
C16 5XK H . -8.83 11.80 -4.40
N 5XK H . -9.08 10.84 -3.47
C2 5XK H . -6.23 11.63 -7.25
C1 5XK H . -5.30 12.80 -7.43
C 5XK H . -4.42 12.96 -6.23
C4 5XK I . 21.45 -5.55 -1.03
C14 5XK I . 21.17 -5.00 -7.97
C5 5XK I . 20.77 -7.32 -3.38
C6 5XK I . 21.62 -6.97 -4.33
C11 5XK I . 23.57 -4.09 -9.15
C7 5XK I . 23.13 -7.04 -4.21
C8 5XK I . 23.67 -6.20 -5.36
C9 5XK I . 22.44 -5.26 -7.39
C10 5XK I . 23.62 -4.82 -7.98
C12 5XK I . 22.34 -3.77 -9.73
C13 5XK I . 21.17 -4.21 -9.12
N1 5XK I . 20.13 -6.20 -6.09
C3 5XK I . 20.70 -6.83 -0.92
CL 5XK I . 19.71 -3.62 -9.84
C15 5XK I . 19.96 -5.55 -7.30
O 5XK I . 18.83 -5.49 -7.82
C16 5XK I . 21.31 -6.35 -5.55
N 5XK I . 22.47 -5.95 -6.16
C2 5XK I . 21.08 -7.83 -2.00
C1 5XK I . 20.33 -9.14 -1.82
C 5XK I . 20.95 -10.24 -2.67
C1 EDO J . 24.07 12.52 -27.77
O1 EDO J . 24.75 11.55 -26.97
C2 EDO J . 23.15 13.30 -26.86
O2 EDO J . 23.90 13.57 -25.68
#